data_3OUH
#
_entry.id   3OUH
#
_cell.length_a   109.860
_cell.length_b   109.860
_cell.length_c   40.070
_cell.angle_alpha   90.00
_cell.angle_beta   90.00
_cell.angle_gamma   120.00
#
_symmetry.space_group_name_H-M   'P 63'
#
loop_
_entity.id
_entity.type
_entity.pdbx_description
1 polymer 'Egl nine homolog 1'
2 non-polymer 'FE (II) ION'
3 non-polymer 'SULFATE ION'
4 non-polymer '1-(5-chloro-6-fluoro-1H-benzimidazol-2-yl)-1H-pyrazole-4-carboxylic acid'
5 water water
#
_entity_poly.entity_id   1
_entity_poly.type   'polypeptide(L)'
_entity_poly.pdbx_seq_one_letter_code
;SPNGQTKPLPALKLALEYIVPCMNKHGICVVDDFLGKETGQQIGDEVRALHDTGKFTDGQLVSQKSDSSKDIRGDKITWI
EGKEPGCETIGLLMSSMDDLIRHCNGKLGSYKINGRTKAMVACYPGNGTGYVRHVDNPNGDGRCVTCIYYLNKDWDAKVS
GGILRIFPEGKAQFADIEPKFDRLLFFWSDRRNPHEVQPAYATRYAITVWYFDADERARAKVKYLTGEKGVRVELNK
;
_entity_poly.pdbx_strand_id   A
#
loop_
_chem_comp.id
_chem_comp.type
_chem_comp.name
_chem_comp.formula
014 non-polymer '1-(5-chloro-6-fluoro-1H-benzimidazol-2-yl)-1H-pyrazole-4-carboxylic acid' 'C11 H6 Cl F N4 O2'
FE2 non-polymer 'FE (II) ION' 'Fe 2'
SO4 non-polymer 'SULFATE ION' 'O4 S -2'
#
# COMPACT_ATOMS: atom_id res chain seq x y z
N LEU A 9 11.71 15.36 6.24
CA LEU A 9 11.68 14.92 7.67
C LEU A 9 12.45 13.63 7.89
N PRO A 10 13.19 13.54 9.01
CA PRO A 10 13.81 12.25 9.34
C PRO A 10 12.76 11.28 9.87
N ALA A 11 12.85 10.04 9.41
CA ALA A 11 11.92 8.97 9.77
C ALA A 11 11.51 8.99 11.26
N LEU A 12 12.45 9.32 12.13
CA LEU A 12 12.21 9.31 13.58
C LEU A 12 11.18 10.34 14.07
N LYS A 13 11.22 11.53 13.48
CA LYS A 13 10.32 12.62 13.84
C LYS A 13 8.93 12.33 13.38
N LEU A 14 8.85 11.99 12.11
CA LEU A 14 7.60 11.60 11.49
C LEU A 14 6.96 10.45 12.28
N ALA A 15 7.78 9.43 12.55
CA ALA A 15 7.35 8.23 13.27
C ALA A 15 6.78 8.54 14.64
N LEU A 16 7.48 9.34 15.43
CA LEU A 16 7.13 9.59 16.87
C LEU A 16 6.15 10.75 17.10
N GLU A 17 6.25 11.80 16.30
CA GLU A 17 5.33 12.94 16.43
C GLU A 17 4.04 12.72 15.62
N TYR A 18 4.03 11.73 14.72
CA TYR A 18 2.89 11.54 13.83
C TYR A 18 2.38 10.11 13.62
N ILE A 19 3.20 9.24 13.05
CA ILE A 19 2.77 7.88 12.68
C ILE A 19 2.17 7.23 13.90
N VAL A 20 2.94 7.18 14.99
CA VAL A 20 2.49 6.49 16.21
C VAL A 20 1.25 7.12 16.87
N PRO A 21 1.25 8.42 17.14
CA PRO A 21 0.03 8.90 17.82
C PRO A 21 -1.22 8.72 16.95
N CYS A 22 -1.06 8.94 15.65
CA CYS A 22 -2.13 8.74 14.66
C CYS A 22 -2.61 7.27 14.54
N MET A 23 -1.69 6.35 14.23
CA MET A 23 -2.01 4.91 14.21
C MET A 23 -2.72 4.37 15.45
N ASN A 24 -2.34 4.84 16.63
CA ASN A 24 -2.87 4.28 17.86
C ASN A 24 -4.26 4.81 18.17
N LYS A 25 -4.58 5.97 17.62
CA LYS A 25 -5.85 6.65 17.84
C LYS A 25 -6.82 6.38 16.69
N HIS A 26 -6.37 6.54 15.43
CA HIS A 26 -7.26 6.42 14.28
C HIS A 26 -7.08 5.11 13.52
N GLY A 27 -5.88 4.55 13.60
CA GLY A 27 -5.56 3.29 12.91
C GLY A 27 -5.42 3.45 11.40
N ILE A 28 -5.23 4.67 10.93
CA ILE A 28 -5.05 5.00 9.50
C ILE A 28 -4.18 6.25 9.44
N CYS A 29 -3.09 6.29 8.68
CA CYS A 29 -2.34 7.53 8.60
C CYS A 29 -1.81 7.78 7.25
N VAL A 30 -1.83 9.05 6.91
CA VAL A 30 -1.44 9.55 5.62
C VAL A 30 -0.26 10.50 5.81
N VAL A 31 0.84 10.21 5.13
CA VAL A 31 1.99 11.12 5.05
C VAL A 31 2.06 11.66 3.64
N ASP A 32 1.78 12.95 3.46
CA ASP A 32 1.95 13.59 2.14
C ASP A 32 3.40 13.97 1.83
N ASP A 33 3.70 14.13 0.56
CA ASP A 33 5.06 14.45 0.10
C ASP A 33 6.07 13.70 0.95
N PHE A 34 6.14 12.39 0.76
CA PHE A 34 6.94 11.54 1.63
C PHE A 34 8.43 11.57 1.27
N LEU A 35 8.72 11.40 -0.01
CA LEU A 35 10.10 11.31 -0.48
C LEU A 35 10.49 12.51 -1.38
N GLY A 36 9.49 13.29 -1.81
CA GLY A 36 9.70 14.46 -2.60
C GLY A 36 9.69 14.13 -4.06
N LYS A 37 9.55 15.20 -4.83
CA LYS A 37 9.18 15.16 -6.25
C LYS A 37 10.22 14.46 -7.12
N GLU A 38 11.49 14.60 -6.77
CA GLU A 38 12.54 14.06 -7.64
C GLU A 38 12.56 12.55 -7.51
N THR A 39 12.72 12.06 -6.28
CA THR A 39 12.64 10.62 -5.99
C THR A 39 11.29 10.02 -6.42
N GLY A 40 10.21 10.72 -6.11
CA GLY A 40 8.86 10.31 -6.51
C GLY A 40 8.78 9.90 -7.96
N GLN A 41 9.26 10.78 -8.86
CA GLN A 41 9.26 10.58 -10.31
C GLN A 41 10.13 9.40 -10.68
N GLN A 42 11.24 9.22 -9.98
CA GLN A 42 12.22 8.14 -10.29
C GLN A 42 11.53 6.78 -10.09
N ILE A 43 10.72 6.71 -9.06
CA ILE A 43 9.92 5.52 -8.75
C ILE A 43 8.87 5.35 -9.84
N GLY A 44 8.14 6.42 -10.13
CA GLY A 44 7.24 6.44 -11.28
C GLY A 44 7.90 5.84 -12.52
N ASP A 45 9.10 6.33 -12.85
CA ASP A 45 9.87 5.80 -14.00
C ASP A 45 10.09 4.29 -13.91
N GLU A 46 10.58 3.81 -12.76
CA GLU A 46 10.92 2.40 -12.60
C GLU A 46 9.69 1.51 -12.70
N VAL A 47 8.59 1.95 -12.08
CA VAL A 47 7.29 1.28 -12.13
C VAL A 47 6.72 1.22 -13.55
N ARG A 48 6.73 2.36 -14.25
CA ARG A 48 6.37 2.40 -15.69
C ARG A 48 7.26 1.50 -16.51
N ALA A 49 8.55 1.46 -16.21
CA ALA A 49 9.47 0.59 -16.97
C ALA A 49 9.18 -0.88 -16.73
N LEU A 50 8.64 -1.22 -15.58
CA LEU A 50 8.20 -2.60 -15.33
C LEU A 50 6.97 -2.95 -16.20
N HIS A 51 5.99 -2.04 -16.21
CA HIS A 51 4.78 -2.16 -17.03
C HIS A 51 5.17 -2.32 -18.47
N ASP A 52 5.91 -1.35 -18.97
CA ASP A 52 6.33 -1.32 -20.39
C ASP A 52 7.09 -2.58 -20.80
N THR A 53 7.76 -3.23 -19.86
CA THR A 53 8.55 -4.42 -20.15
C THR A 53 7.87 -5.72 -19.67
N GLY A 54 6.53 -5.71 -19.52
CA GLY A 54 5.73 -6.93 -19.42
C GLY A 54 5.89 -7.81 -18.20
N LYS A 55 6.27 -7.22 -17.05
CA LYS A 55 6.54 -7.97 -15.79
C LYS A 55 5.29 -8.16 -14.91
N PHE A 56 4.27 -7.35 -15.17
CA PHE A 56 3.07 -7.42 -14.40
C PHE A 56 2.30 -8.68 -14.72
N THR A 57 1.47 -9.10 -13.77
CA THR A 57 0.51 -10.16 -14.01
C THR A 57 -0.55 -9.75 -15.04
N ASP A 58 -1.07 -10.77 -15.67
CA ASP A 58 -2.48 -10.93 -15.92
C ASP A 58 -3.43 -9.73 -15.57
N GLY A 59 -3.58 -9.44 -14.27
CA GLY A 59 -4.68 -8.62 -13.77
C GLY A 59 -5.66 -9.45 -12.94
N GLN A 60 -6.20 -8.88 -11.87
CA GLN A 60 -7.23 -9.54 -11.05
C GLN A 60 -8.47 -9.85 -11.90
N LEU A 61 -8.94 -11.10 -11.84
CA LEU A 61 -10.14 -11.47 -12.58
C LEU A 61 -11.37 -10.84 -11.92
N VAL A 62 -11.88 -9.79 -12.58
CA VAL A 62 -13.09 -9.11 -12.14
C VAL A 62 -14.31 -9.90 -12.63
N SER A 63 -14.53 -9.94 -13.94
CA SER A 63 -15.70 -10.66 -14.51
C SER A 63 -15.31 -11.94 -15.28
N GLN A 64 -15.76 -13.08 -14.76
CA GLN A 64 -15.65 -14.38 -15.43
C GLN A 64 -17.01 -14.82 -16.05
N SER A 69 -16.01 -14.96 -23.04
CA SER A 69 -15.03 -14.87 -24.12
C SER A 69 -13.93 -13.82 -23.81
N LYS A 70 -14.13 -12.57 -24.21
CA LYS A 70 -13.19 -11.47 -23.89
C LYS A 70 -13.50 -10.89 -22.48
N ASP A 71 -12.99 -11.58 -21.44
CA ASP A 71 -13.26 -11.26 -20.02
C ASP A 71 -12.73 -9.88 -19.58
N ILE A 72 -13.10 -9.46 -18.36
CA ILE A 72 -12.59 -8.18 -17.80
C ILE A 72 -11.63 -8.39 -16.58
N ARG A 73 -10.46 -7.75 -16.71
CA ARG A 73 -9.37 -7.86 -15.76
C ARG A 73 -9.02 -6.51 -15.09
N GLY A 74 -8.51 -6.63 -13.85
CA GLY A 74 -8.20 -5.48 -12.99
C GLY A 74 -6.72 -5.20 -12.74
N ASP A 75 -6.42 -4.90 -11.49
CA ASP A 75 -5.05 -4.53 -11.10
C ASP A 75 -4.11 -5.65 -11.43
N LYS A 76 -3.03 -5.28 -12.11
CA LYS A 76 -1.88 -6.14 -12.35
C LYS A 76 -0.86 -5.91 -11.23
N ILE A 77 -0.16 -6.97 -10.87
CA ILE A 77 0.89 -6.85 -9.87
C ILE A 77 2.22 -7.47 -10.25
N THR A 78 3.25 -6.97 -9.58
CA THR A 78 4.50 -7.66 -9.52
C THR A 78 5.12 -7.54 -8.10
N TRP A 79 5.67 -8.62 -7.59
CA TRP A 79 6.51 -8.54 -6.37
C TRP A 79 7.91 -8.06 -6.69
N ILE A 80 8.45 -7.15 -5.91
CA ILE A 80 9.80 -6.63 -6.15
C ILE A 80 10.52 -6.67 -4.86
N GLU A 81 11.67 -7.35 -4.86
CA GLU A 81 12.53 -7.61 -3.68
C GLU A 81 13.21 -6.33 -3.30
N GLY A 82 13.60 -5.56 -4.32
CA GLY A 82 14.18 -4.23 -4.17
C GLY A 82 15.60 -4.09 -4.73
N LYS A 83 16.27 -5.22 -5.00
CA LYS A 83 17.67 -5.25 -5.51
C LYS A 83 17.71 -5.58 -7.00
N GLU A 84 16.58 -5.47 -7.68
CA GLU A 84 16.52 -5.92 -9.08
C GLU A 84 17.03 -4.77 -9.89
N PRO A 85 17.61 -5.11 -11.06
CA PRO A 85 18.11 -4.07 -11.93
C PRO A 85 16.91 -3.26 -12.40
N GLY A 86 17.04 -1.94 -12.39
CA GLY A 86 15.92 -1.11 -12.76
C GLY A 86 14.92 -0.87 -11.65
N CYS A 87 15.11 -1.46 -10.47
CA CYS A 87 14.17 -1.29 -9.36
C CYS A 87 14.73 -0.62 -8.12
N GLU A 88 15.78 0.20 -8.29
CA GLU A 88 16.56 0.67 -7.13
C GLU A 88 15.94 1.79 -6.30
N THR A 89 15.17 2.68 -6.92
CA THR A 89 14.48 3.71 -6.12
C THR A 89 13.26 3.14 -5.39
N ILE A 90 12.78 2.01 -5.89
CA ILE A 90 11.71 1.25 -5.23
C ILE A 90 12.37 0.61 -4.03
N GLY A 91 13.45 -0.11 -4.26
CA GLY A 91 14.27 -0.62 -3.13
C GLY A 91 14.52 0.45 -2.05
N LEU A 92 14.74 1.66 -2.50
CA LEU A 92 15.09 2.75 -1.63
C LEU A 92 13.87 3.27 -0.92
N LEU A 93 12.72 3.22 -1.60
CA LEU A 93 11.38 3.45 -1.01
C LEU A 93 11.15 2.48 0.13
N MET A 94 11.49 1.22 -0.13
CA MET A 94 11.24 0.14 0.78
C MET A 94 12.06 0.31 2.05
N SER A 95 13.37 0.54 1.87
CA SER A 95 14.31 0.80 2.97
C SER A 95 13.85 1.95 3.85
N SER A 96 13.15 2.92 3.23
CA SER A 96 12.69 4.11 3.93
C SER A 96 11.37 3.89 4.65
N MET A 97 10.58 2.93 4.15
CA MET A 97 9.41 2.47 4.88
C MET A 97 9.89 1.64 6.08
N ASP A 98 10.89 0.80 5.84
CA ASP A 98 11.49 0.03 6.91
C ASP A 98 12.05 0.96 7.99
N ASP A 99 12.75 2.05 7.61
CA ASP A 99 13.28 3.00 8.62
C ASP A 99 12.15 3.54 9.47
N LEU A 100 11.07 4.00 8.84
CA LEU A 100 9.91 4.49 9.60
C LEU A 100 9.45 3.48 10.58
N ILE A 101 9.18 2.26 10.15
CA ILE A 101 8.63 1.26 11.05
C ILE A 101 9.55 0.97 12.25
N ARG A 102 10.86 0.87 11.98
CA ARG A 102 11.84 0.56 13.01
C ARG A 102 11.90 1.66 14.08
N HIS A 103 11.81 2.91 13.65
CA HIS A 103 11.77 4.03 14.57
C HIS A 103 10.44 4.15 15.31
N CYS A 104 9.46 3.32 14.97
CA CYS A 104 8.27 3.23 15.81
C CYS A 104 8.71 2.42 17.02
N ASN A 105 9.13 1.18 16.78
CA ASN A 105 9.84 0.39 17.82
C ASN A 105 8.85 -0.09 18.88
N GLY A 106 8.10 -1.13 18.55
CA GLY A 106 7.03 -1.59 19.44
C GLY A 106 6.24 -0.47 20.11
N LYS A 107 6.03 0.63 19.40
CA LYS A 107 5.05 1.63 19.85
C LYS A 107 3.79 1.58 18.98
N LEU A 108 3.77 0.69 17.98
CA LEU A 108 2.55 0.51 17.20
C LEU A 108 1.71 -0.56 17.85
N GLY A 109 0.72 -0.15 18.62
CA GLY A 109 -0.12 -1.09 19.30
C GLY A 109 0.72 -1.82 20.31
N SER A 110 0.44 -3.09 20.50
CA SER A 110 1.30 -3.96 21.32
C SER A 110 2.20 -4.80 20.41
N TYR A 111 2.33 -4.37 19.17
CA TYR A 111 2.89 -5.21 18.12
C TYR A 111 4.38 -5.17 18.13
N LYS A 112 4.98 -6.32 17.90
CA LYS A 112 6.41 -6.43 17.67
C LYS A 112 6.52 -6.85 16.24
N ILE A 113 6.92 -5.90 15.42
CA ILE A 113 6.98 -6.03 13.98
C ILE A 113 8.40 -6.47 13.61
N ASN A 114 8.58 -7.72 13.23
CA ASN A 114 9.91 -8.24 13.04
C ASN A 114 10.28 -8.52 11.57
N GLY A 115 9.32 -8.37 10.66
CA GLY A 115 9.52 -8.64 9.22
C GLY A 115 8.42 -8.07 8.33
N ARG A 116 8.52 -8.34 7.03
CA ARG A 116 7.56 -7.87 6.06
C ARG A 116 7.60 -8.63 4.74
N THR A 117 6.66 -8.31 3.87
CA THR A 117 6.64 -8.91 2.52
C THR A 117 7.60 -8.18 1.58
N LYS A 118 7.84 -8.77 0.41
CA LYS A 118 8.44 -8.03 -0.68
C LYS A 118 7.41 -6.96 -0.95
N ALA A 119 7.61 -6.15 -1.98
CA ALA A 119 6.72 -5.02 -2.32
C ALA A 119 5.78 -5.40 -3.48
N MET A 120 4.48 -5.23 -3.29
CA MET A 120 3.52 -5.44 -4.38
C MET A 120 3.27 -4.16 -5.13
N VAL A 121 3.88 -4.06 -6.30
CA VAL A 121 3.65 -2.94 -7.20
C VAL A 121 2.33 -3.27 -7.93
N ALA A 122 1.45 -2.27 -8.04
CA ALA A 122 0.15 -2.50 -8.64
C ALA A 122 -0.04 -1.46 -9.69
N CYS A 123 -0.58 -1.89 -10.82
CA CYS A 123 -1.04 -1.01 -11.88
C CYS A 123 -2.50 -1.28 -12.18
N TYR A 124 -3.36 -0.31 -11.87
CA TYR A 124 -4.76 -0.40 -12.30
C TYR A 124 -4.86 0.20 -13.69
N PRO A 125 -5.39 -0.54 -14.66
CA PRO A 125 -5.24 -0.03 -16.04
C PRO A 125 -6.11 1.14 -16.50
N GLY A 126 -7.13 1.53 -15.73
CA GLY A 126 -7.94 2.69 -16.10
C GLY A 126 -9.10 2.29 -17.01
N ASN A 127 -9.64 1.11 -16.79
CA ASN A 127 -10.69 0.54 -17.60
C ASN A 127 -11.95 0.34 -16.73
N GLY A 128 -12.07 1.14 -15.65
CA GLY A 128 -13.28 1.20 -14.82
C GLY A 128 -13.35 0.15 -13.72
N THR A 129 -12.33 -0.69 -13.63
CA THR A 129 -12.20 -1.66 -12.56
C THR A 129 -11.61 -0.98 -11.34
N GLY A 130 -11.98 -1.46 -10.17
CA GLY A 130 -11.40 -1.05 -8.89
C GLY A 130 -10.93 -2.31 -8.20
N TYR A 131 -11.18 -2.43 -6.91
CA TYR A 131 -10.84 -3.63 -6.13
C TYR A 131 -12.01 -3.77 -5.16
N VAL A 132 -12.82 -4.81 -5.31
CA VAL A 132 -13.93 -5.05 -4.35
C VAL A 132 -13.52 -4.91 -2.89
N ARG A 133 -14.46 -4.47 -2.04
CA ARG A 133 -14.27 -4.37 -0.59
C ARG A 133 -13.63 -5.60 -0.03
N HIS A 134 -12.66 -5.40 0.88
CA HIS A 134 -11.82 -6.48 1.40
C HIS A 134 -11.06 -6.07 2.62
N VAL A 135 -10.49 -7.08 3.25
CA VAL A 135 -9.71 -6.96 4.44
C VAL A 135 -8.41 -7.60 4.04
N ASP A 136 -7.31 -6.89 4.23
CA ASP A 136 -6.06 -7.37 3.71
C ASP A 136 -5.75 -8.70 4.34
N ASN A 137 -5.99 -8.80 5.65
CA ASN A 137 -5.72 -10.02 6.49
C ASN A 137 -6.94 -10.37 7.36
N PRO A 138 -7.81 -11.25 6.90
CA PRO A 138 -8.96 -11.66 7.74
C PRO A 138 -8.69 -12.89 8.64
N ASN A 139 -7.95 -13.87 8.15
CA ASN A 139 -7.72 -15.14 8.81
C ASN A 139 -6.53 -15.20 9.75
N GLY A 140 -5.88 -14.10 10.07
CA GLY A 140 -4.68 -14.17 10.90
C GLY A 140 -3.42 -14.73 10.20
N ASP A 141 -2.98 -14.06 9.10
CA ASP A 141 -1.82 -14.52 8.30
C ASP A 141 -0.46 -13.90 8.62
N GLY A 142 -0.42 -13.08 9.66
CA GLY A 142 0.82 -12.44 10.09
C GLY A 142 0.75 -10.93 9.90
N ARG A 143 0.02 -10.49 8.88
CA ARG A 143 0.11 -9.11 8.47
C ARG A 143 -0.65 -8.22 9.40
N CYS A 144 0.01 -7.22 9.99
CA CYS A 144 -0.66 -6.35 10.95
C CYS A 144 -0.74 -4.88 10.55
N VAL A 145 0.22 -4.37 9.76
CA VAL A 145 0.24 -2.98 9.26
C VAL A 145 0.38 -3.05 7.74
N THR A 146 -0.44 -2.29 7.02
CA THR A 146 -0.44 -2.16 5.56
C THR A 146 0.17 -0.82 5.24
N CYS A 147 1.24 -0.81 4.44
CA CYS A 147 1.87 0.47 4.08
C CYS A 147 1.79 0.61 2.58
N ILE A 148 1.15 1.67 2.09
CA ILE A 148 0.97 1.88 0.64
C ILE A 148 1.57 3.21 0.20
N TYR A 149 2.31 3.17 -0.90
CA TYR A 149 2.86 4.37 -1.52
C TYR A 149 2.28 4.63 -2.93
N TYR A 150 1.66 5.79 -3.12
CA TYR A 150 1.02 6.16 -4.37
C TYR A 150 1.88 7.13 -5.19
N LEU A 151 1.92 6.89 -6.51
CA LEU A 151 2.81 7.63 -7.40
C LEU A 151 2.09 8.35 -8.58
N ASN A 152 0.84 8.72 -8.36
CA ASN A 152 0.05 9.31 -9.42
C ASN A 152 0.09 10.86 -9.49
N LYS A 153 0.94 11.36 -10.39
CA LYS A 153 1.12 12.79 -10.66
C LYS A 153 -0.16 13.50 -11.14
N ASP A 154 -0.55 14.55 -10.41
CA ASP A 154 -1.75 15.35 -10.72
C ASP A 154 -3.02 14.50 -10.92
N TRP A 155 -3.25 13.60 -9.96
CA TRP A 155 -4.45 12.78 -9.90
C TRP A 155 -5.64 13.61 -9.44
N ASP A 156 -6.71 13.53 -10.23
CA ASP A 156 -8.04 14.05 -9.91
C ASP A 156 -9.04 12.90 -9.85
N ALA A 157 -9.54 12.61 -8.66
CA ALA A 157 -10.47 11.50 -8.46
C ALA A 157 -11.86 11.81 -8.98
N LYS A 158 -12.14 13.10 -9.17
CA LYS A 158 -13.41 13.53 -9.76
C LYS A 158 -13.46 13.12 -11.25
N VAL A 159 -12.30 13.03 -11.88
CA VAL A 159 -12.19 12.70 -13.30
C VAL A 159 -11.78 11.24 -13.52
N SER A 160 -10.74 10.79 -12.80
CA SER A 160 -10.16 9.44 -12.96
C SER A 160 -10.63 8.37 -11.93
N GLY A 161 -11.37 8.80 -10.92
CA GLY A 161 -11.90 7.90 -9.93
C GLY A 161 -10.79 7.35 -9.04
N GLY A 162 -10.84 6.06 -8.78
CA GLY A 162 -9.75 5.39 -8.09
C GLY A 162 -9.52 5.74 -6.64
N ILE A 163 -10.42 6.49 -6.03
CA ILE A 163 -10.31 6.75 -4.59
C ILE A 163 -10.27 5.45 -3.78
N LEU A 164 -9.42 5.39 -2.75
CA LEU A 164 -9.46 4.26 -1.85
C LEU A 164 -10.35 4.61 -0.67
N ARG A 165 -11.41 3.84 -0.48
CA ARG A 165 -12.36 4.10 0.59
C ARG A 165 -12.25 3.06 1.69
N ILE A 166 -11.95 3.50 2.90
CA ILE A 166 -11.80 2.63 4.04
C ILE A 166 -13.01 2.82 4.96
N PHE A 167 -13.47 1.70 5.53
CA PHE A 167 -14.62 1.67 6.43
C PHE A 167 -14.19 1.37 7.84
N PRO A 168 -13.38 2.25 8.44
CA PRO A 168 -12.85 1.90 9.77
C PRO A 168 -14.00 1.43 10.65
N GLU A 169 -13.86 0.24 11.24
CA GLU A 169 -15.06 -0.44 11.73
C GLU A 169 -15.31 -0.31 13.21
N GLY A 170 -16.61 -0.21 13.52
CA GLY A 170 -17.14 0.37 14.76
C GLY A 170 -17.49 1.85 14.56
N LYS A 171 -17.79 2.22 13.32
CA LYS A 171 -17.91 3.63 12.90
C LYS A 171 -18.96 3.85 11.79
N ALA A 172 -19.97 4.67 12.10
CA ALA A 172 -20.78 5.29 11.07
C ALA A 172 -19.91 6.31 10.33
N GLN A 173 -19.31 5.85 9.22
CA GLN A 173 -18.62 6.69 8.22
C GLN A 173 -17.43 5.98 7.59
N PHE A 174 -16.91 6.60 6.53
CA PHE A 174 -15.70 6.14 5.90
C PHE A 174 -14.76 7.26 5.66
N ALA A 175 -13.53 6.89 5.32
CA ALA A 175 -12.50 7.83 4.93
C ALA A 175 -12.14 7.56 3.51
N ASP A 176 -12.20 8.59 2.69
CA ASP A 176 -11.79 8.53 1.28
C ASP A 176 -10.36 9.05 1.12
N ILE A 177 -9.50 8.22 0.55
CA ILE A 177 -8.09 8.51 0.40
C ILE A 177 -7.72 8.47 -1.08
N GLU A 178 -7.33 9.63 -1.59
CA GLU A 178 -6.98 9.82 -2.99
C GLU A 178 -5.63 9.25 -3.21
N PRO A 179 -5.43 8.61 -4.34
CA PRO A 179 -4.14 8.03 -4.60
C PRO A 179 -3.09 9.03 -5.07
N LYS A 180 -2.93 10.14 -4.35
CA LYS A 180 -2.07 11.26 -4.72
C LYS A 180 -0.60 10.88 -4.79
N PHE A 181 0.11 11.49 -5.74
CA PHE A 181 1.55 11.36 -5.91
C PHE A 181 2.31 11.62 -4.62
N ASP A 182 3.21 10.69 -4.30
CA ASP A 182 4.18 10.82 -3.20
C ASP A 182 3.45 10.73 -1.88
N ARG A 183 2.25 10.15 -1.89
CA ARG A 183 1.52 9.89 -0.66
C ARG A 183 1.85 8.51 -0.10
N LEU A 184 1.97 8.42 1.22
CA LEU A 184 2.24 7.14 1.92
C LEU A 184 1.13 6.91 2.90
N LEU A 185 0.63 5.68 2.91
CA LEU A 185 -0.59 5.36 3.67
C LEU A 185 -0.28 4.19 4.56
N PHE A 186 -0.59 4.32 5.84
CA PHE A 186 -0.53 3.22 6.82
C PHE A 186 -1.92 2.92 7.33
N PHE A 187 -2.25 1.65 7.52
CA PHE A 187 -3.49 1.27 8.19
C PHE A 187 -3.40 -0.15 8.72
N TRP A 188 -4.13 -0.45 9.79
CA TRP A 188 -4.09 -1.82 10.36
C TRP A 188 -4.59 -2.76 9.31
N SER A 189 -3.89 -3.87 9.05
CA SER A 189 -4.30 -4.78 7.95
C SER A 189 -5.56 -5.63 8.25
N ASP A 190 -5.97 -5.72 9.52
CA ASP A 190 -7.02 -6.68 9.91
C ASP A 190 -8.48 -6.19 9.71
N ARG A 191 -9.44 -6.84 10.38
CA ARG A 191 -10.89 -6.61 10.24
C ARG A 191 -11.36 -5.18 10.67
N ARG A 192 -10.48 -4.47 11.37
CA ARG A 192 -10.71 -3.07 11.72
C ARG A 192 -10.81 -2.11 10.54
N ASN A 193 -10.14 -2.43 9.43
CA ASN A 193 -10.02 -1.53 8.27
C ASN A 193 -10.43 -2.22 6.98
N PRO A 194 -11.76 -2.45 6.78
CA PRO A 194 -12.23 -2.93 5.48
C PRO A 194 -12.13 -1.76 4.53
N HIS A 195 -11.75 -2.06 3.28
CA HIS A 195 -11.48 -1.03 2.28
C HIS A 195 -11.79 -1.50 0.86
N GLU A 196 -11.75 -0.55 -0.06
CA GLU A 196 -11.94 -0.83 -1.49
C GLU A 196 -11.35 0.26 -2.33
N VAL A 197 -10.97 -0.07 -3.55
CA VAL A 197 -10.64 0.94 -4.54
C VAL A 197 -11.83 1.21 -5.48
N GLN A 198 -12.31 2.43 -5.51
CA GLN A 198 -13.37 2.75 -6.48
C GLN A 198 -12.83 2.65 -7.92
N PRO A 199 -13.70 2.36 -8.90
CA PRO A 199 -13.30 2.24 -10.30
C PRO A 199 -12.29 3.32 -10.73
N ALA A 200 -11.19 2.88 -11.35
CA ALA A 200 -10.20 3.80 -11.87
C ALA A 200 -10.34 3.93 -13.39
N TYR A 201 -10.46 5.17 -13.85
CA TYR A 201 -10.59 5.46 -15.30
C TYR A 201 -9.32 6.05 -15.90
N ALA A 202 -8.18 5.84 -15.22
CA ALA A 202 -6.82 6.22 -15.68
C ALA A 202 -5.84 5.28 -15.01
N THR A 203 -4.65 5.12 -15.60
CA THR A 203 -3.63 4.23 -15.00
C THR A 203 -3.38 4.66 -13.54
N ARG A 204 -3.41 3.72 -12.60
CA ARG A 204 -3.25 4.06 -11.17
C ARG A 204 -2.24 3.11 -10.57
N TYR A 205 -1.10 3.67 -10.19
CA TYR A 205 0.02 2.92 -9.70
C TYR A 205 0.15 3.08 -8.20
N ALA A 206 0.46 1.99 -7.54
CA ALA A 206 0.69 2.01 -6.11
C ALA A 206 1.65 0.89 -5.79
N ILE A 207 2.33 1.06 -4.65
CA ILE A 207 3.27 0.07 -4.10
C ILE A 207 2.94 -0.21 -2.66
N THR A 208 2.78 -1.49 -2.33
CA THR A 208 2.38 -1.93 -1.01
C THR A 208 3.42 -2.86 -0.39
N VAL A 209 3.66 -2.68 0.91
CA VAL A 209 4.48 -3.56 1.73
C VAL A 209 3.62 -3.79 2.93
N TRP A 210 3.55 -5.04 3.40
CA TRP A 210 2.82 -5.41 4.64
C TRP A 210 3.80 -5.82 5.74
N TYR A 211 3.57 -5.35 6.97
CA TYR A 211 4.45 -5.68 8.09
C TYR A 211 3.80 -6.76 8.95
N PHE A 212 4.65 -7.69 9.40
CA PHE A 212 4.28 -8.86 10.11
C PHE A 212 4.36 -8.59 11.58
N ASP A 213 3.38 -9.10 12.32
CA ASP A 213 3.49 -9.27 13.77
C ASP A 213 4.26 -10.56 14.03
N ALA A 214 5.26 -10.49 14.90
CA ALA A 214 6.10 -11.67 15.23
C ALA A 214 5.23 -12.87 15.60
N ASP A 215 4.30 -12.68 16.53
CA ASP A 215 3.56 -13.82 17.05
C ASP A 215 2.56 -14.38 16.07
N GLU A 216 1.81 -13.52 15.40
CA GLU A 216 0.74 -14.05 14.53
C GLU A 216 1.40 -14.73 13.34
N ARG A 217 2.48 -14.11 12.86
CA ARG A 217 3.26 -14.66 11.78
C ARG A 217 3.86 -15.97 12.25
N ALA A 218 4.38 -16.00 13.48
CA ALA A 218 4.97 -17.25 13.97
C ALA A 218 3.96 -18.42 14.01
N ARG A 219 2.71 -18.19 14.43
CA ARG A 219 1.69 -19.25 14.37
C ARG A 219 1.23 -19.66 12.97
N ALA A 220 1.13 -18.70 12.04
CA ALA A 220 0.77 -19.00 10.61
C ALA A 220 1.73 -19.93 9.85
N LYS A 221 2.97 -20.05 10.31
CA LYS A 221 3.92 -20.88 9.57
C LYS A 221 3.52 -22.37 9.59
N VAL A 222 2.68 -22.79 10.53
CA VAL A 222 2.23 -24.18 10.58
C VAL A 222 0.88 -24.35 9.98
N LYS A 223 0.07 -23.30 10.02
CA LYS A 223 -1.32 -23.43 9.61
C LYS A 223 -1.50 -23.22 8.11
N TYR A 224 -0.47 -22.71 7.42
CA TYR A 224 -0.51 -22.35 5.95
C TYR A 224 0.84 -22.45 5.15
FE FE2 B . -6.21 -3.92 0.40
S SO4 C . 8.28 -15.35 7.17
O1 SO4 C . 8.37 -14.30 6.14
O2 SO4 C . 7.16 -16.22 6.81
O3 SO4 C . 8.13 -14.75 8.50
O4 SO4 C . 9.53 -16.14 7.17
F 014 D . -3.99 -9.39 -0.25
CL 014 D . -2.77 -9.79 -2.65
C1 014 D . -4.96 0.50 -3.11
N1 014 D . -6.11 -2.33 -1.03
O1 014 D . -5.45 1.58 -2.62
C2 014 D . -5.30 -0.81 -2.49
N2 014 D . -5.45 -2.89 -2.10
O2 014 D . -4.11 0.48 -4.05
C3 014 D . -6.05 -1.01 -1.33
N3 014 D . -5.34 -4.81 -0.94
C4 014 D . -4.89 -2.04 -2.93
N4 014 D . -4.43 -4.76 -3.02
C5 014 D . -5.18 -4.16 -2.09
C6 014 D . -4.78 -6.01 -1.23
C7 014 D . -4.70 -7.15 -0.47
C8 014 D . -4.09 -8.26 -0.96
C10 014 D . -3.54 -8.23 -2.19
C11 014 D . -3.60 -7.11 -3.01
C12 014 D . -4.22 -5.98 -2.51
#